data_5YEG
#
_entry.id   5YEG
#
_cell.length_a   46.167
_cell.length_b   56.502
_cell.length_c   67.486
_cell.angle_alpha   78.41
_cell.angle_beta   79.31
_cell.angle_gamma   78.60
#
_symmetry.space_group_name_H-M   'P 1'
#
loop_
_entity.id
_entity.type
_entity.pdbx_description
1 polymer 'Transcriptional repressor CTCF'
2 polymer 'Transcriptional repressor CTCF'
3 polymer "DNA (5'-D(*TP*CP*GP*CP*CP*CP*TP*CP*TP*GP*CP*TP*GP*GP*TP*TP*AP*AP*AP*G)-3')"
4 polymer "DNA (5'-D(*AP*CP*TP*TP*TP*AP*AP*CP*CP*AP*GP*CP*AP*GP*AP*GP*GP*GP*CP*G)-3')"
5 non-polymer 'ZINC ION'
6 water water
#
loop_
_entity_poly.entity_id
_entity_poly.type
_entity_poly.pdbx_seq_one_letter_code
_entity_poly.pdbx_strand_id
1 'polypeptide(L)'
;KPFKCSMCDYASVEVSKLKRHIRSHTGERPFQCSLCSYASRDTYKLKRHMRTHSGEKPYECYICHARFTQSGTMKMHILQ
KHTENVAKFHCPHCDTVIARKSDLGVHLRKQHSYIEQGKKCRYCDAVFHERYALIQHQKSHK
;
A
2 'polypeptide(L)'
;KPFKCSMCDYASVEVSKLKRHIRSHTGERPFQCSLCSYASRDTYKLKRHMRTHSGEKPYECYICHARFTQSGTMKMHILQ
KHTENVAKFHCPHCDTVIARKSDLGVHLRKQHSYIEQGKKCRYCDAVFHERYALIQHQKSH
;
B
3 'polydeoxyribonucleotide'
;(DT)(DC)(DG)(DC)(DC)(DC)(DT)(DC)(DT)(DG)(DC)(DT)(DG)(DG)(DT)(DT)(DA)(DA)(DA)(DG)
(DT)
;
D,E
4 'polydeoxyribonucleotide' (DA)(DC)(DT)(DT)(DT)(DA)(DA)(DC)(DC)(DA)(DG)(DC)(DA)(DG)(DA)(DG)(DG)(DG)(DC)(DG) C,F
#
loop_
_chem_comp.id
_chem_comp.type
_chem_comp.name
_chem_comp.formula
DA DNA linking 2'-DEOXYADENOSINE-5'-MONOPHOSPHATE 'C10 H14 N5 O6 P'
DC DNA linking 2'-DEOXYCYTIDINE-5'-MONOPHOSPHATE 'C9 H14 N3 O7 P'
DG DNA linking 2'-DEOXYGUANOSINE-5'-MONOPHOSPHATE 'C10 H14 N5 O7 P'
DT DNA linking THYMIDINE-5'-MONOPHOSPHATE 'C10 H15 N2 O8 P'
ZN non-polymer 'ZINC ION' 'Zn 2'
#
# COMPACT_ATOMS: atom_id res chain seq x y z
N PRO A 2 -26.98 0.94 -6.53
CA PRO A 2 -25.94 -0.08 -6.58
C PRO A 2 -26.15 -1.03 -7.75
N PHE A 3 -25.47 -0.75 -8.85
CA PHE A 3 -25.45 -1.58 -10.05
C PHE A 3 -24.09 -2.27 -10.10
N LYS A 4 -24.07 -3.56 -9.74
CA LYS A 4 -22.83 -4.27 -9.51
C LYS A 4 -22.37 -5.01 -10.77
N CYS A 5 -21.07 -4.99 -11.01
CA CYS A 5 -20.49 -5.86 -12.00
C CYS A 5 -20.45 -7.29 -11.46
N SER A 6 -20.85 -8.24 -12.29
CA SER A 6 -20.81 -9.64 -11.90
C SER A 6 -19.40 -10.20 -11.95
N MET A 7 -18.49 -9.53 -12.66
CA MET A 7 -17.16 -10.06 -12.91
C MET A 7 -16.09 -9.48 -11.99
N CYS A 8 -16.32 -8.35 -11.35
CA CYS A 8 -15.37 -7.80 -10.39
C CYS A 8 -16.15 -7.09 -9.28
N ASP A 9 -15.43 -6.33 -8.45
CA ASP A 9 -16.01 -5.58 -7.34
C ASP A 9 -16.50 -4.18 -7.74
N TYR A 10 -16.47 -3.82 -9.01
CA TYR A 10 -16.96 -2.51 -9.42
C TYR A 10 -18.47 -2.39 -9.20
N ALA A 11 -18.88 -1.23 -8.68
CA ALA A 11 -20.30 -0.90 -8.52
C ALA A 11 -20.49 0.60 -8.74
N SER A 12 -21.69 0.97 -9.20
CA SER A 12 -22.01 2.36 -9.49
C SER A 12 -23.47 2.64 -9.17
N VAL A 13 -23.79 3.92 -9.00
CA VAL A 13 -25.16 4.36 -8.75
C VAL A 13 -25.83 4.74 -10.07
N GLU A 14 -25.13 4.54 -11.20
CA GLU A 14 -25.66 4.88 -12.51
C GLU A 14 -25.51 3.70 -13.47
N VAL A 15 -26.63 3.33 -14.10
CA VAL A 15 -26.64 2.23 -15.07
C VAL A 15 -25.62 2.47 -16.18
N SER A 16 -25.58 3.68 -16.72
CA SER A 16 -24.70 3.97 -17.85
C SER A 16 -23.24 3.74 -17.46
N LYS A 17 -22.88 4.01 -16.21
CA LYS A 17 -21.50 3.80 -15.79
C LYS A 17 -21.17 2.31 -15.70
N LEU A 18 -22.13 1.49 -15.28
CA LEU A 18 -21.89 0.05 -15.32
C LEU A 18 -21.70 -0.43 -16.75
N LYS A 19 -22.56 0.06 -17.67
CA LYS A 19 -22.40 -0.32 -19.07
C LYS A 19 -21.02 0.06 -19.60
N ARG A 20 -20.56 1.28 -19.29
CA ARG A 20 -19.22 1.68 -19.73
C ARG A 20 -18.16 0.77 -19.12
N HIS A 21 -18.27 0.52 -17.82
CA HIS A 21 -17.30 -0.31 -17.12
C HIS A 21 -17.17 -1.69 -17.76
N ILE A 22 -18.30 -2.30 -18.15
CA ILE A 22 -18.28 -3.67 -18.65
C ILE A 22 -17.47 -3.78 -19.94
N ARG A 23 -17.42 -2.70 -20.73
CA ARG A 23 -16.57 -2.70 -21.93
C ARG A 23 -15.11 -2.91 -21.58
N SER A 24 -14.71 -2.68 -20.32
CA SER A 24 -13.35 -3.00 -19.91
C SER A 24 -13.14 -4.52 -19.85
N HIS A 25 -14.22 -5.27 -19.61
CA HIS A 25 -14.15 -6.73 -19.65
C HIS A 25 -14.32 -7.25 -21.08
N THR A 26 -15.28 -6.69 -21.82
CA THR A 26 -15.57 -7.19 -23.15
C THR A 26 -14.63 -6.64 -24.22
N GLY A 27 -13.90 -5.57 -23.92
CA GLY A 27 -13.03 -4.95 -24.90
C GLY A 27 -13.72 -4.16 -25.98
N GLU A 28 -15.03 -3.92 -25.85
CA GLU A 28 -15.74 -3.13 -26.84
C GLU A 28 -15.26 -1.68 -26.79
N ARG A 29 -14.83 -1.17 -27.96
CA ARG A 29 -14.36 0.21 -28.10
C ARG A 29 -15.24 0.93 -29.13
N PRO A 30 -16.37 1.48 -28.70
CA PRO A 30 -17.34 2.03 -29.68
C PRO A 30 -16.91 3.33 -30.32
N PHE A 31 -15.96 4.08 -29.76
CA PHE A 31 -15.73 5.45 -30.17
C PHE A 31 -14.40 5.51 -30.91
N GLN A 32 -14.50 5.37 -32.23
CA GLN A 32 -13.35 5.21 -33.10
C GLN A 32 -12.85 6.54 -33.63
N CYS A 33 -11.52 6.69 -33.64
CA CYS A 33 -10.92 7.84 -34.29
C CYS A 33 -11.09 7.71 -35.79
N SER A 34 -11.48 8.81 -36.45
CA SER A 34 -11.62 8.80 -37.91
C SER A 34 -10.29 8.94 -38.64
N LEU A 35 -9.19 9.22 -37.94
CA LEU A 35 -7.91 9.47 -38.60
C LEU A 35 -6.86 8.39 -38.36
N CYS A 36 -6.98 7.61 -37.28
CA CYS A 36 -6.03 6.52 -37.08
C CYS A 36 -6.80 5.36 -36.47
N SER A 37 -6.08 4.33 -36.05
CA SER A 37 -6.72 3.10 -35.58
C SER A 37 -7.14 3.16 -34.11
N TYR A 38 -6.79 4.22 -33.37
CA TYR A 38 -7.22 4.29 -31.97
C TYR A 38 -8.75 4.25 -31.87
N ALA A 39 -9.25 3.52 -30.87
CA ALA A 39 -10.68 3.53 -30.54
C ALA A 39 -10.83 3.46 -29.04
N SER A 40 -11.79 4.20 -28.50
CA SER A 40 -11.96 4.34 -27.06
C SER A 40 -13.21 3.60 -26.57
N ARG A 41 -13.12 3.17 -25.30
CA ARG A 41 -14.29 2.62 -24.61
C ARG A 41 -15.31 3.69 -24.25
N ASP A 42 -14.92 4.96 -24.17
CA ASP A 42 -15.86 6.02 -23.80
C ASP A 42 -15.61 7.27 -24.64
N THR A 43 -16.55 8.23 -24.55
CA THR A 43 -16.46 9.41 -25.40
C THR A 43 -15.26 10.29 -25.04
N TYR A 44 -15.01 10.45 -23.73
CA TYR A 44 -13.98 11.40 -23.30
C TYR A 44 -12.60 11.05 -23.85
N LYS A 45 -12.19 9.78 -23.76
CA LYS A 45 -10.82 9.48 -24.16
C LYS A 45 -10.64 9.63 -25.67
N LEU A 46 -11.71 9.42 -26.46
CA LEU A 46 -11.62 9.74 -27.88
C LEU A 46 -11.41 11.23 -28.10
N LYS A 47 -12.20 12.10 -27.43
CA LYS A 47 -11.96 13.54 -27.61
C LYS A 47 -10.53 13.92 -27.21
N ARG A 48 -10.09 13.42 -26.05
CA ARG A 48 -8.74 13.70 -25.59
C ARG A 48 -7.72 13.26 -26.62
N HIS A 49 -7.94 12.09 -27.25
CA HIS A 49 -7.05 11.63 -28.31
C HIS A 49 -7.12 12.56 -29.53
N MET A 50 -8.31 13.05 -29.88
CA MET A 50 -8.45 13.88 -31.07
C MET A 50 -7.65 15.17 -30.95
N ARG A 51 -7.39 15.60 -29.72
CA ARG A 51 -6.52 16.77 -29.55
C ARG A 51 -5.15 16.58 -30.21
N THR A 52 -4.64 15.34 -30.26
CA THR A 52 -3.36 15.09 -30.88
C THR A 52 -3.40 15.23 -32.40
N HIS A 53 -4.57 14.99 -33.02
CA HIS A 53 -4.68 15.22 -34.45
C HIS A 53 -4.91 16.70 -34.74
N SER A 54 -5.68 17.37 -33.89
CA SER A 54 -6.00 18.77 -34.12
C SER A 54 -4.87 19.71 -33.73
N GLY A 55 -3.93 19.25 -32.91
CA GLY A 55 -2.90 20.13 -32.43
C GLY A 55 -3.37 20.97 -31.26
N GLU A 56 -4.57 20.70 -30.75
CA GLU A 56 -5.13 21.44 -29.62
C GLU A 56 -4.30 21.18 -28.37
N LYS A 57 -3.74 22.24 -27.79
CA LYS A 57 -3.00 22.19 -26.52
C LYS A 57 -3.64 23.17 -25.53
N PRO A 58 -4.68 22.74 -24.82
CA PRO A 58 -5.48 23.69 -24.02
C PRO A 58 -4.81 24.17 -22.75
N TYR A 59 -3.66 23.61 -22.35
CA TYR A 59 -3.09 23.85 -21.03
C TYR A 59 -1.72 24.52 -21.17
N GLU A 60 -1.48 25.54 -20.34
CA GLU A 60 -0.25 26.32 -20.40
C GLU A 60 0.32 26.46 -19.00
N CYS A 61 1.60 26.09 -18.84
CA CYS A 61 2.26 26.24 -17.54
C CYS A 61 2.35 27.73 -17.22
N TYR A 62 1.76 28.14 -16.10
CA TYR A 62 1.76 29.56 -15.77
C TYR A 62 3.13 30.08 -15.41
N ILE A 63 4.06 29.19 -15.09
CA ILE A 63 5.41 29.62 -14.73
C ILE A 63 6.26 29.82 -15.97
N CYS A 64 6.31 28.83 -16.87
CA CYS A 64 7.23 28.90 -18.00
C CYS A 64 6.52 28.99 -19.35
N HIS A 65 5.20 28.84 -19.37
CA HIS A 65 4.34 29.01 -20.55
C HIS A 65 4.48 27.90 -21.58
N ALA A 66 5.16 26.81 -21.24
CA ALA A 66 5.08 25.63 -22.10
C ALA A 66 3.62 25.18 -22.18
N ARG A 67 3.27 24.57 -23.30
CA ARG A 67 1.88 24.23 -23.55
C ARG A 67 1.75 22.71 -23.62
N PHE A 68 0.60 22.22 -23.19
CA PHE A 68 0.40 20.80 -23.03
C PHE A 68 -0.97 20.40 -23.57
N THR A 69 -1.03 19.16 -24.08
CA THR A 69 -2.27 18.63 -24.60
C THR A 69 -3.19 18.14 -23.50
N GLN A 70 -2.64 17.68 -22.37
CA GLN A 70 -3.43 17.17 -21.26
C GLN A 70 -3.06 17.89 -19.97
N SER A 71 -4.04 17.94 -19.07
CA SER A 71 -3.87 18.69 -17.83
C SER A 71 -2.92 18.01 -16.86
N GLY A 72 -3.00 16.67 -16.74
CA GLY A 72 -2.11 15.97 -15.84
C GLY A 72 -0.65 16.04 -16.24
N THR A 73 -0.38 16.05 -17.56
CA THR A 73 0.99 16.26 -18.04
C THR A 73 1.54 17.58 -17.55
N MET A 74 0.73 18.64 -17.60
CA MET A 74 1.17 19.95 -17.14
C MET A 74 1.40 19.94 -15.63
N LYS A 75 0.47 19.33 -14.90
CA LYS A 75 0.59 19.27 -13.44
C LYS A 75 1.88 18.57 -13.03
N MET A 76 2.20 17.44 -13.68
CA MET A 76 3.44 16.70 -13.41
C MET A 76 4.66 17.54 -13.78
N HIS A 77 4.58 18.26 -14.90
CA HIS A 77 5.65 19.17 -15.27
C HIS A 77 5.89 20.22 -14.19
N ILE A 78 4.83 20.82 -13.66
CA ILE A 78 4.97 21.83 -12.62
C ILE A 78 5.54 21.22 -11.35
N LEU A 79 5.05 20.05 -10.96
CA LEU A 79 5.55 19.38 -9.76
C LEU A 79 7.04 19.06 -9.88
N GLN A 80 7.46 18.55 -11.04
CA GLN A 80 8.85 18.11 -11.14
C GLN A 80 9.83 19.23 -11.47
N LYS A 81 9.40 20.24 -12.23
CA LYS A 81 10.32 21.27 -12.70
C LYS A 81 10.29 22.54 -11.88
N HIS A 82 9.17 22.89 -11.22
CA HIS A 82 9.04 24.18 -10.56
C HIS A 82 8.70 24.07 -9.09
N THR A 83 8.91 22.92 -8.46
CA THR A 83 8.52 22.71 -7.07
C THR A 83 9.67 22.06 -6.34
N GLU A 84 9.98 22.54 -5.14
CA GLU A 84 11.09 21.98 -4.38
C GLU A 84 10.58 21.05 -3.28
N ASN A 85 11.45 20.15 -2.84
CA ASN A 85 11.20 19.30 -1.67
C ASN A 85 9.97 18.41 -1.87
N VAL A 86 9.74 17.94 -3.10
CA VAL A 86 8.68 16.96 -3.34
C VAL A 86 9.13 15.58 -2.84
N ALA A 87 8.22 14.83 -2.22
CA ALA A 87 8.59 13.53 -1.68
C ALA A 87 9.04 12.59 -2.80
N LYS A 88 10.13 11.86 -2.56
CA LYS A 88 10.72 10.95 -3.54
C LYS A 88 10.33 9.49 -3.30
N PHE A 89 10.59 8.65 -4.32
CA PHE A 89 10.23 7.23 -4.28
C PHE A 89 11.50 6.44 -3.99
N HIS A 90 11.54 5.81 -2.82
CA HIS A 90 12.67 4.96 -2.43
C HIS A 90 12.35 3.51 -2.75
N CYS A 91 13.15 2.89 -3.58
CA CYS A 91 12.92 1.47 -3.86
C CYS A 91 13.15 0.66 -2.60
N PRO A 92 12.26 -0.26 -2.26
CA PRO A 92 12.47 -1.07 -1.04
C PRO A 92 13.62 -2.06 -1.17
N HIS A 93 14.03 -2.42 -2.39
CA HIS A 93 15.00 -3.49 -2.60
C HIS A 93 16.42 -3.00 -2.85
N CYS A 94 16.62 -1.69 -2.97
CA CYS A 94 17.95 -1.16 -3.20
C CYS A 94 17.95 0.29 -2.72
N ASP A 95 19.03 1.02 -2.98
CA ASP A 95 19.19 2.37 -2.45
C ASP A 95 18.83 3.45 -3.47
N THR A 96 18.24 3.07 -4.60
CA THR A 96 17.89 4.04 -5.63
C THR A 96 16.71 4.89 -5.18
N VAL A 97 16.79 6.19 -5.49
CA VAL A 97 15.73 7.16 -5.19
C VAL A 97 15.27 7.75 -6.51
N ILE A 98 13.94 7.82 -6.70
CA ILE A 98 13.33 8.13 -7.98
C ILE A 98 12.25 9.19 -7.79
N ALA A 99 12.14 10.11 -8.75
CA ALA A 99 11.27 11.28 -8.59
C ALA A 99 9.80 10.98 -8.89
N ARG A 100 9.51 10.03 -9.78
CA ARG A 100 8.17 9.75 -10.29
C ARG A 100 7.73 8.33 -9.97
N LYS A 101 6.49 8.18 -9.53
CA LYS A 101 5.98 6.85 -9.17
C LYS A 101 6.06 5.87 -10.34
N SER A 102 5.73 6.31 -11.55
CA SER A 102 5.77 5.37 -12.68
C SER A 102 7.20 4.99 -13.05
N ASP A 103 8.17 5.88 -12.80
CA ASP A 103 9.57 5.55 -13.00
C ASP A 103 10.04 4.55 -11.94
N LEU A 104 9.48 4.61 -10.73
CA LEU A 104 9.73 3.53 -9.80
C LEU A 104 9.19 2.22 -10.33
N GLY A 105 8.02 2.25 -10.98
CA GLY A 105 7.52 1.04 -11.62
C GLY A 105 8.48 0.47 -12.66
N VAL A 106 8.99 1.32 -13.54
CA VAL A 106 9.99 0.88 -14.53
C VAL A 106 11.17 0.24 -13.82
N HIS A 107 11.66 0.88 -12.77
CA HIS A 107 12.82 0.38 -12.04
C HIS A 107 12.52 -0.98 -11.41
N LEU A 108 11.36 -1.15 -10.76
CA LEU A 108 11.01 -2.45 -10.21
C LEU A 108 11.01 -3.52 -11.28
N ARG A 109 10.37 -3.24 -12.41
CA ARG A 109 10.25 -4.27 -13.45
C ARG A 109 11.60 -4.58 -14.09
N LYS A 110 12.48 -3.60 -14.19
CA LYS A 110 13.76 -3.81 -14.88
C LYS A 110 14.82 -4.41 -13.97
N GLN A 111 14.88 -3.97 -12.72
CA GLN A 111 15.96 -4.33 -11.82
C GLN A 111 15.61 -5.46 -10.87
N HIS A 112 14.33 -5.67 -10.55
CA HIS A 112 14.00 -6.59 -9.47
C HIS A 112 12.98 -7.64 -9.89
N SER A 113 12.82 -7.89 -11.19
CA SER A 113 11.89 -8.89 -11.68
C SER A 113 12.64 -10.17 -12.06
N TYR A 114 11.89 -11.26 -12.21
CA TYR A 114 12.51 -12.55 -12.50
C TYR A 114 12.84 -12.65 -13.99
N ILE A 115 14.08 -13.02 -14.30
CA ILE A 115 14.54 -13.22 -15.68
C ILE A 115 14.61 -14.72 -15.92
N GLU A 116 13.60 -15.24 -16.63
CA GLU A 116 13.44 -16.68 -16.78
C GLU A 116 14.67 -17.34 -17.40
N GLN A 117 15.19 -16.78 -18.50
CA GLN A 117 16.32 -17.39 -19.18
C GLN A 117 17.67 -17.07 -18.55
N GLY A 118 17.69 -16.24 -17.51
CA GLY A 118 18.92 -15.93 -16.81
C GLY A 118 19.80 -14.94 -17.55
N LYS A 119 20.84 -14.48 -16.85
CA LYS A 119 21.83 -13.58 -17.44
C LYS A 119 23.19 -13.92 -16.86
N LYS A 120 24.19 -14.06 -17.73
CA LYS A 120 25.53 -14.39 -17.27
C LYS A 120 26.31 -13.11 -17.00
N CYS A 121 27.08 -13.14 -15.91
CA CYS A 121 28.04 -12.07 -15.66
C CYS A 121 28.94 -11.86 -16.88
N ARG A 122 29.24 -10.59 -17.17
CA ARG A 122 30.12 -10.32 -18.30
C ARG A 122 31.58 -10.66 -18.02
N TYR A 123 31.92 -11.00 -16.76
CA TYR A 123 33.29 -11.31 -16.38
C TYR A 123 33.48 -12.74 -15.89
N CYS A 124 32.39 -13.45 -15.59
CA CYS A 124 32.50 -14.78 -15.00
C CYS A 124 31.31 -15.61 -15.51
N ASP A 125 31.33 -16.91 -15.22
CA ASP A 125 30.29 -17.79 -15.74
C ASP A 125 29.09 -17.93 -14.81
N ALA A 126 28.98 -17.09 -13.79
CA ALA A 126 27.83 -17.15 -12.89
C ALA A 126 26.60 -16.56 -13.57
N VAL A 127 25.44 -17.16 -13.28
CA VAL A 127 24.18 -16.79 -13.89
C VAL A 127 23.22 -16.31 -12.81
N PHE A 128 22.42 -15.29 -13.15
CA PHE A 128 21.49 -14.67 -12.23
C PHE A 128 20.13 -14.51 -12.92
N HIS A 129 19.09 -14.41 -12.10
CA HIS A 129 17.73 -14.30 -12.62
C HIS A 129 17.07 -13.00 -12.20
N GLU A 130 17.87 -12.04 -11.73
CA GLU A 130 17.38 -10.73 -11.37
C GLU A 130 18.49 -9.76 -11.76
N ARG A 131 18.13 -8.66 -12.42
CA ARG A 131 19.16 -7.76 -12.91
C ARG A 131 19.95 -7.14 -11.77
N TYR A 132 19.28 -6.72 -10.70
CA TYR A 132 20.00 -6.08 -9.60
C TYR A 132 21.10 -7.00 -9.07
N ALA A 133 20.77 -8.27 -8.84
CA ALA A 133 21.78 -9.21 -8.36
C ALA A 133 22.91 -9.37 -9.38
N LEU A 134 22.56 -9.43 -10.67
CA LEU A 134 23.60 -9.49 -11.71
C LEU A 134 24.57 -8.32 -11.60
N ILE A 135 24.03 -7.10 -11.59
CA ILE A 135 24.89 -5.90 -11.60
C ILE A 135 25.70 -5.82 -10.30
N GLN A 136 25.09 -6.20 -9.17
CA GLN A 136 25.81 -6.24 -7.90
C GLN A 136 26.99 -7.21 -8.00
N HIS A 137 26.77 -8.39 -8.60
CA HIS A 137 27.87 -9.35 -8.75
C HIS A 137 28.97 -8.80 -9.64
N GLN A 138 28.60 -8.23 -10.79
CA GLN A 138 29.58 -7.71 -11.74
C GLN A 138 30.50 -6.68 -11.09
N LYS A 139 29.97 -5.89 -10.16
CA LYS A 139 30.76 -4.92 -9.40
C LYS A 139 31.67 -5.62 -8.39
N LYS B 1 24.96 -13.58 23.09
CA LYS B 1 25.30 -13.64 24.51
C LYS B 1 26.29 -12.58 25.02
N PRO B 2 27.36 -12.28 24.27
CA PRO B 2 28.33 -11.31 24.81
C PRO B 2 27.74 -9.97 25.18
N PHE B 3 26.78 -9.46 24.39
CA PHE B 3 26.22 -8.14 24.60
C PHE B 3 24.81 -8.28 25.14
N LYS B 4 24.65 -8.03 26.43
CA LYS B 4 23.39 -8.23 27.12
C LYS B 4 22.82 -6.89 27.58
N CYS B 5 21.52 -6.71 27.38
CA CYS B 5 20.84 -5.52 27.88
C CYS B 5 20.74 -5.58 29.40
N SER B 6 20.99 -4.44 30.04
CA SER B 6 20.87 -4.36 31.50
C SER B 6 19.42 -4.24 31.96
N MET B 7 18.49 -3.85 31.08
CA MET B 7 17.12 -3.59 31.50
C MET B 7 16.14 -4.71 31.15
N CYS B 8 16.51 -5.62 30.25
CA CYS B 8 15.70 -6.81 29.97
C CYS B 8 16.67 -7.95 29.68
N ASP B 9 16.14 -9.10 29.29
CA ASP B 9 16.99 -10.24 29.00
C ASP B 9 17.43 -10.31 27.54
N TYR B 10 17.20 -9.26 26.75
CA TYR B 10 17.67 -9.29 25.37
C TYR B 10 19.18 -9.38 25.36
N ALA B 11 19.70 -10.23 24.48
CA ALA B 11 21.14 -10.38 24.31
C ALA B 11 21.43 -10.60 22.84
N SER B 12 22.63 -10.20 22.42
CA SER B 12 23.01 -10.29 21.03
C SER B 12 24.49 -10.60 20.92
N VAL B 13 24.86 -11.15 19.76
CA VAL B 13 26.26 -11.43 19.44
C VAL B 13 26.94 -10.25 18.77
N GLU B 14 26.18 -9.20 18.39
CA GLU B 14 26.71 -8.03 17.72
C GLU B 14 26.49 -6.80 18.57
N VAL B 15 27.51 -5.93 18.62
CA VAL B 15 27.45 -4.69 19.40
C VAL B 15 26.28 -3.83 18.92
N SER B 16 26.20 -3.65 17.60
CA SER B 16 25.28 -2.69 17.01
C SER B 16 23.82 -3.06 17.27
N LYS B 17 23.51 -4.36 17.33
CA LYS B 17 22.14 -4.76 17.61
C LYS B 17 21.76 -4.43 19.04
N LEU B 18 22.68 -4.60 19.98
CA LEU B 18 22.38 -4.22 21.35
C LEU B 18 22.22 -2.71 21.48
N LYS B 19 23.08 -1.95 20.79
CA LYS B 19 22.95 -0.49 20.79
C LYS B 19 21.60 -0.05 20.23
N ARG B 20 21.17 -0.65 19.12
CA ARG B 20 19.86 -0.36 18.56
C ARG B 20 18.74 -0.74 19.53
N HIS B 21 18.85 -1.92 20.14
CA HIS B 21 17.84 -2.38 21.10
C HIS B 21 17.66 -1.42 22.27
N ILE B 22 18.75 -0.85 22.79
CA ILE B 22 18.64 0.02 23.97
C ILE B 22 17.78 1.25 23.67
N ARG B 23 17.75 1.70 22.42
CA ARG B 23 16.88 2.81 22.05
C ARG B 23 15.41 2.49 22.28
N SER B 24 15.04 1.22 22.37
CA SER B 24 13.66 0.90 22.74
C SER B 24 13.39 1.25 24.20
N HIS B 25 14.42 1.24 25.04
CA HIS B 25 14.24 1.68 26.43
C HIS B 25 14.33 3.20 26.54
N THR B 26 15.31 3.82 25.88
CA THR B 26 15.52 5.25 26.05
C THR B 26 14.57 6.11 25.21
N GLY B 27 13.94 5.56 24.18
CA GLY B 27 13.14 6.37 23.29
C GLY B 27 13.94 7.22 22.33
N GLU B 28 15.26 7.02 22.24
CA GLU B 28 16.07 7.77 21.31
C GLU B 28 15.67 7.42 19.88
N ARG B 29 15.31 8.43 19.09
CA ARG B 29 14.92 8.26 17.69
C ARG B 29 15.87 9.05 16.80
N PRO B 30 17.02 8.47 16.42
CA PRO B 30 18.07 9.24 15.73
C PRO B 30 17.74 9.62 14.30
N PHE B 31 16.80 8.96 13.65
CA PHE B 31 16.63 9.07 12.21
C PHE B 31 15.33 9.82 11.93
N GLN B 32 15.48 11.13 11.71
CA GLN B 32 14.36 12.06 11.61
C GLN B 32 13.86 12.14 10.18
N CYS B 33 12.54 12.11 10.01
CA CYS B 33 11.99 12.32 8.68
C CYS B 33 12.17 13.78 8.29
N SER B 34 12.62 14.01 7.04
CA SER B 34 12.79 15.38 6.57
C SER B 34 11.47 16.05 6.20
N LEU B 35 10.38 15.29 6.14
CA LEU B 35 9.12 15.80 5.64
C LEU B 35 8.05 15.96 6.72
N CYS B 36 8.17 15.27 7.85
CA CYS B 36 7.20 15.43 8.94
C CYS B 36 7.93 15.24 10.26
N SER B 37 7.18 15.16 11.36
CA SER B 37 7.81 15.07 12.67
C SER B 37 8.20 13.65 13.08
N TYR B 38 7.81 12.63 12.31
CA TYR B 38 8.17 11.26 12.65
C TYR B 38 9.69 11.08 12.70
N ALA B 39 10.15 10.29 13.67
CA ALA B 39 11.54 9.88 13.77
C ALA B 39 11.63 8.42 14.22
N SER B 40 12.60 7.70 13.68
CA SER B 40 12.71 6.27 13.90
C SER B 40 13.89 5.92 14.79
N ARG B 41 13.77 4.79 15.49
CA ARG B 41 14.90 4.24 16.24
C ARG B 41 15.95 3.63 15.32
N ASP B 42 15.62 3.27 14.10
CA ASP B 42 16.60 2.67 13.18
C ASP B 42 16.36 3.20 11.78
N THR B 43 17.31 2.93 10.89
CA THR B 43 17.20 3.48 9.54
C THR B 43 16.05 2.86 8.77
N TYR B 44 15.85 1.55 8.91
CA TYR B 44 14.86 0.88 8.06
C TYR B 44 13.47 1.47 8.27
N LYS B 45 13.04 1.67 9.51
CA LYS B 45 11.66 2.13 9.71
C LYS B 45 11.46 3.54 9.21
N LEU B 46 12.50 4.39 9.22
CA LEU B 46 12.41 5.68 8.53
C LEU B 46 12.22 5.49 7.03
N LYS B 47 13.06 4.65 6.41
CA LYS B 47 12.92 4.43 4.96
C LYS B 47 11.53 3.90 4.61
N ARG B 48 11.04 2.93 5.39
CA ARG B 48 9.70 2.38 5.18
C ARG B 48 8.65 3.46 5.37
N HIS B 49 8.87 4.34 6.37
CA HIS B 49 7.99 5.46 6.60
C HIS B 49 7.88 6.39 5.40
N MET B 50 8.97 6.56 4.64
CA MET B 50 8.94 7.50 3.52
C MET B 50 7.92 7.08 2.46
N ARG B 51 7.55 5.80 2.44
CA ARG B 51 6.50 5.32 1.55
C ARG B 51 5.18 6.05 1.80
N THR B 52 4.93 6.48 3.03
CA THR B 52 3.69 7.18 3.34
C THR B 52 3.64 8.56 2.68
N HIS B 53 4.79 9.17 2.46
CA HIS B 53 4.78 10.46 1.78
C HIS B 53 4.68 10.31 0.27
N SER B 54 5.39 9.33 -0.31
CA SER B 54 5.30 9.27 -1.77
C SER B 54 4.09 8.48 -2.27
N GLY B 55 3.53 7.58 -1.47
CA GLY B 55 2.33 6.86 -1.88
C GLY B 55 2.51 5.62 -2.75
N GLU B 56 3.72 5.12 -2.95
CA GLU B 56 3.83 3.95 -3.85
C GLU B 56 3.35 2.68 -3.15
N LYS B 57 2.98 1.68 -3.95
CA LYS B 57 2.54 0.38 -3.46
C LYS B 57 3.38 -0.70 -4.15
N PRO B 58 4.59 -0.95 -3.66
CA PRO B 58 5.54 -1.82 -4.39
C PRO B 58 5.20 -3.30 -4.39
N TYR B 59 4.17 -3.74 -3.65
CA TYR B 59 3.90 -5.16 -3.46
C TYR B 59 2.58 -5.49 -4.13
N GLU B 60 2.53 -6.60 -4.87
CA GLU B 60 1.38 -6.93 -5.68
C GLU B 60 0.96 -8.37 -5.44
N CYS B 61 -0.31 -8.58 -5.10
CA CYS B 61 -0.80 -9.94 -4.92
C CYS B 61 -0.69 -10.67 -6.25
N TYR B 62 0.06 -11.77 -6.27
CA TYR B 62 0.28 -12.47 -7.53
C TYR B 62 -1.00 -13.09 -8.08
N ILE B 63 -2.04 -13.24 -7.27
CA ILE B 63 -3.29 -13.84 -7.74
C ILE B 63 -4.25 -12.81 -8.33
N CYS B 64 -4.58 -11.75 -7.59
CA CYS B 64 -5.61 -10.82 -8.02
C CYS B 64 -5.07 -9.44 -8.37
N HIS B 65 -3.77 -9.20 -8.15
CA HIS B 65 -3.03 -8.02 -8.57
C HIS B 65 -3.38 -6.76 -7.77
N ALA B 66 -4.09 -6.89 -6.66
CA ALA B 66 -4.18 -5.81 -5.69
C ALA B 66 -2.78 -5.44 -5.19
N ARG B 67 -2.61 -4.19 -4.80
CA ARG B 67 -1.30 -3.64 -4.47
C ARG B 67 -1.27 -3.15 -3.03
N PHE B 68 -0.08 -3.20 -2.41
CA PHE B 68 0.05 -2.93 -0.98
C PHE B 68 1.31 -2.10 -0.72
N THR B 69 1.31 -1.32 0.36
CA THR B 69 2.51 -0.54 0.69
C THR B 69 3.60 -1.40 1.33
N GLN B 70 3.23 -2.52 1.96
CA GLN B 70 4.18 -3.38 2.66
C GLN B 70 3.96 -4.85 2.32
N SER B 71 5.03 -5.65 2.46
CA SER B 71 4.97 -7.05 2.05
C SER B 71 4.13 -7.90 3.01
N GLY B 72 4.24 -7.64 4.32
CA GLY B 72 3.43 -8.38 5.28
C GLY B 72 1.94 -8.11 5.09
N THR B 73 1.58 -6.89 4.70
CA THR B 73 0.19 -6.61 4.37
C THR B 73 -0.31 -7.49 3.24
N MET B 74 0.53 -7.65 2.20
CA MET B 74 0.14 -8.50 1.07
C MET B 74 0.00 -9.94 1.51
N LYS B 75 0.94 -10.41 2.33
CA LYS B 75 0.87 -11.78 2.84
C LYS B 75 -0.44 -12.03 3.58
N MET B 76 -0.84 -11.06 4.44
CA MET B 76 -2.10 -11.19 5.16
C MET B 76 -3.28 -11.16 4.22
N HIS B 77 -3.24 -10.30 3.19
CA HIS B 77 -4.30 -10.29 2.18
C HIS B 77 -4.44 -11.66 1.52
N ILE B 78 -3.31 -12.28 1.17
CA ILE B 78 -3.38 -13.59 0.53
C ILE B 78 -3.96 -14.62 1.49
N LEU B 79 -3.54 -14.55 2.75
CA LEU B 79 -4.06 -15.48 3.77
C LEU B 79 -5.56 -15.35 3.92
N GLN B 80 -6.10 -14.13 3.93
CA GLN B 80 -7.52 -13.94 4.20
C GLN B 80 -8.39 -14.12 2.96
N LYS B 81 -7.89 -13.82 1.77
CA LYS B 81 -8.74 -13.85 0.58
C LYS B 81 -8.53 -15.05 -0.34
N HIS B 82 -7.34 -15.67 -0.35
CA HIS B 82 -7.02 -16.70 -1.34
C HIS B 82 -6.58 -18.02 -0.73
N THR B 83 -6.88 -18.28 0.54
CA THR B 83 -6.32 -19.45 1.20
C THR B 83 -7.44 -20.24 1.89
N GLU B 84 -7.41 -21.56 1.75
CA GLU B 84 -8.38 -22.41 2.42
C GLU B 84 -7.80 -22.90 3.75
N ASN B 85 -8.68 -23.38 4.61
CA ASN B 85 -8.30 -24.08 5.83
C ASN B 85 -7.60 -23.16 6.84
N VAL B 86 -7.84 -21.85 6.79
CA VAL B 86 -7.22 -20.95 7.76
C VAL B 86 -8.07 -20.93 9.02
N ALA B 87 -7.45 -21.18 10.16
CA ALA B 87 -8.19 -21.24 11.41
C ALA B 87 -8.66 -19.86 11.81
N LYS B 88 -9.94 -19.73 12.14
CA LYS B 88 -10.50 -18.46 12.57
C LYS B 88 -10.49 -18.41 14.10
N PHE B 89 -10.62 -17.20 14.63
CA PHE B 89 -10.49 -16.98 16.07
C PHE B 89 -11.86 -16.87 16.69
N HIS B 90 -12.19 -17.85 17.54
CA HIS B 90 -13.42 -17.86 18.31
C HIS B 90 -13.16 -17.10 19.59
N CYS B 91 -13.98 -16.10 19.85
CA CYS B 91 -13.84 -15.39 21.10
C CYS B 91 -14.10 -16.35 22.27
N PRO B 92 -13.27 -16.35 23.31
CA PRO B 92 -13.47 -17.30 24.42
C PRO B 92 -14.67 -16.99 25.29
N HIS B 93 -15.14 -15.74 25.28
CA HIS B 93 -16.17 -15.28 26.20
C HIS B 93 -17.56 -15.16 25.58
N CYS B 94 -17.71 -15.33 24.27
CA CYS B 94 -19.02 -15.24 23.62
C CYS B 94 -18.97 -16.00 22.31
N ASP B 95 -20.04 -15.88 21.50
CA ASP B 95 -20.19 -16.72 20.32
C ASP B 95 -19.46 -16.18 19.10
N THR B 96 -18.90 -14.97 19.16
CA THR B 96 -18.37 -14.33 17.97
C THR B 96 -17.10 -15.01 17.47
N VAL B 97 -17.01 -15.17 16.14
CA VAL B 97 -15.83 -15.70 15.49
C VAL B 97 -15.24 -14.58 14.63
N ILE B 98 -13.93 -14.40 14.73
CA ILE B 98 -13.25 -13.26 14.10
C ILE B 98 -12.06 -13.76 13.29
N ALA B 99 -11.85 -13.18 12.10
CA ALA B 99 -10.89 -13.75 11.15
C ALA B 99 -9.45 -13.43 11.52
N ARG B 100 -9.19 -12.28 12.14
CA ARG B 100 -7.83 -11.82 12.39
C ARG B 100 -7.56 -11.75 13.88
N LYS B 101 -6.37 -12.21 14.29
CA LYS B 101 -6.02 -12.23 15.71
C LYS B 101 -6.10 -10.83 16.33
N SER B 102 -5.61 -9.81 15.62
CA SER B 102 -5.65 -8.46 16.16
C SER B 102 -7.08 -7.91 16.20
N ASP B 103 -7.95 -8.36 15.28
CA ASP B 103 -9.34 -7.94 15.39
C ASP B 103 -10.02 -8.62 16.59
N LEU B 104 -9.65 -9.87 16.89
CA LEU B 104 -10.12 -10.44 18.13
C LEU B 104 -9.61 -9.62 19.31
N GLY B 105 -8.39 -9.10 19.21
CA GLY B 105 -7.90 -8.18 20.24
C GLY B 105 -8.77 -6.94 20.42
N VAL B 106 -9.12 -6.28 19.30
CA VAL B 106 -10.02 -5.13 19.40
C VAL B 106 -11.31 -5.53 20.10
N HIS B 107 -11.89 -6.65 19.68
CA HIS B 107 -13.11 -7.17 20.27
C HIS B 107 -12.93 -7.40 21.77
N LEU B 108 -11.79 -7.97 22.16
CA LEU B 108 -11.47 -8.17 23.56
C LEU B 108 -11.52 -6.86 24.33
N ARG B 109 -10.85 -5.84 23.81
CA ARG B 109 -10.75 -4.58 24.52
C ARG B 109 -12.09 -3.85 24.59
N LYS B 110 -12.95 -4.04 23.58
CA LYS B 110 -14.22 -3.31 23.57
C LYS B 110 -15.32 -4.05 24.32
N GLN B 111 -15.42 -5.36 24.15
CA GLN B 111 -16.53 -6.14 24.67
C GLN B 111 -16.26 -6.81 26.01
N HIS B 112 -15.00 -7.06 26.35
CA HIS B 112 -14.72 -7.90 27.50
C HIS B 112 -13.74 -7.28 28.49
N SER B 113 -13.59 -5.96 28.49
CA SER B 113 -12.67 -5.32 29.41
C SER B 113 -13.43 -4.81 30.64
N TYR B 114 -12.66 -4.53 31.70
CA TYR B 114 -13.25 -4.20 32.99
C TYR B 114 -13.68 -2.73 33.06
N ILE B 115 -14.91 -2.50 33.48
CA ILE B 115 -15.42 -1.16 33.70
C ILE B 115 -15.38 -0.92 35.21
N GLU B 116 -14.35 -0.20 35.66
CA GLU B 116 -14.11 -0.06 37.09
C GLU B 116 -15.32 0.55 37.79
N GLN B 117 -15.78 1.68 37.29
CA GLN B 117 -16.93 2.40 37.84
C GLN B 117 -18.26 1.70 37.54
N GLY B 118 -18.26 0.62 36.78
CA GLY B 118 -19.47 -0.11 36.48
C GLY B 118 -20.40 0.63 35.53
N LYS B 119 -21.44 -0.06 35.05
CA LYS B 119 -22.42 0.56 34.17
C LYS B 119 -23.77 -0.05 34.44
N LYS B 120 -24.79 0.80 34.60
CA LYS B 120 -26.13 0.38 34.95
C LYS B 120 -26.94 0.06 33.71
N CYS B 121 -27.73 -1.01 33.78
CA CYS B 121 -28.70 -1.32 32.73
C CYS B 121 -29.56 -0.10 32.46
N ARG B 122 -29.84 0.16 31.20
CA ARG B 122 -30.70 1.30 30.89
C ARG B 122 -32.16 1.08 31.23
N TYR B 123 -32.55 -0.14 31.61
CA TYR B 123 -33.95 -0.43 31.92
C TYR B 123 -34.20 -0.89 33.35
N CYS B 124 -33.16 -1.22 34.11
CA CYS B 124 -33.33 -1.67 35.48
C CYS B 124 -32.11 -1.22 36.27
N ASP B 125 -32.12 -1.49 37.57
CA ASP B 125 -31.03 -1.01 38.42
C ASP B 125 -29.86 -1.97 38.50
N ALA B 126 -29.80 -2.97 37.61
CA ALA B 126 -28.66 -3.88 37.61
C ALA B 126 -27.42 -3.21 37.05
N VAL B 127 -26.27 -3.54 37.63
CA VAL B 127 -24.99 -2.94 37.26
C VAL B 127 -24.04 -4.03 36.78
N PHE B 128 -23.23 -3.70 35.78
CA PHE B 128 -22.30 -4.65 35.19
C PHE B 128 -20.95 -3.97 35.06
N HIS B 129 -19.90 -4.80 34.96
CA HIS B 129 -18.54 -4.30 34.84
C HIS B 129 -17.89 -4.76 33.53
N GLU B 130 -18.71 -5.20 32.58
CA GLU B 130 -18.28 -5.63 31.26
C GLU B 130 -19.34 -5.29 30.23
N ARG B 131 -18.91 -4.77 29.08
CA ARG B 131 -19.86 -4.40 28.03
C ARG B 131 -20.67 -5.59 27.55
N TYR B 132 -20.01 -6.72 27.29
CA TYR B 132 -20.73 -7.88 26.77
C TYR B 132 -21.84 -8.30 27.72
N ALA B 133 -21.52 -8.44 29.01
CA ALA B 133 -22.53 -8.83 29.98
C ALA B 133 -23.64 -7.79 30.07
N LEU B 134 -23.26 -6.50 30.00
CA LEU B 134 -24.27 -5.44 30.01
C LEU B 134 -25.26 -5.61 28.85
N ILE B 135 -24.74 -5.71 27.63
CA ILE B 135 -25.60 -5.77 26.44
C ILE B 135 -26.46 -7.03 26.46
N GLN B 136 -25.88 -8.16 26.84
CA GLN B 136 -26.67 -9.39 26.91
C GLN B 136 -27.80 -9.25 27.92
N HIS B 137 -27.50 -8.69 29.09
CA HIS B 137 -28.57 -8.47 30.07
C HIS B 137 -29.64 -7.54 29.52
N GLN B 138 -29.23 -6.43 28.89
CA GLN B 138 -30.21 -5.49 28.35
C GLN B 138 -31.11 -6.14 27.32
N LYS B 139 -30.60 -7.14 26.58
CA LYS B 139 -31.47 -7.81 25.63
C LYS B 139 -32.55 -8.64 26.30
N SER B 140 -32.43 -8.92 27.61
CA SER B 140 -33.42 -9.72 28.32
C SER B 140 -34.67 -8.94 28.70
N HIS B 141 -34.72 -7.64 28.43
CA HIS B 141 -35.91 -6.85 28.76
C HIS B 141 -36.96 -6.93 27.64
ZN ZN G . -16.01 -5.58 -13.56
ZN ZN H . 6.64 25.24 -16.69
ZN ZN I . 15.64 -1.07 -6.52
ZN ZN J . -6.40 9.10 -34.10
ZN ZN K . 31.07 -12.61 -12.45
ZN ZN L . 16.42 -4.28 26.95
ZN ZN M . -5.21 -11.00 -4.01
ZN ZN N . -16.62 -12.06 22.63
ZN ZN O . -31.99 -4.45 33.31
ZN ZN P . 7.56 11.78 7.43
#